data_3RHS
#
_entry.id   3RHS
#
_cell.length_a   98.886
_cell.length_b   98.886
_cell.length_c   114.869
_cell.angle_alpha   90.00
_cell.angle_beta   90.00
_cell.angle_gamma   120.00
#
_symmetry.space_group_name_H-M   'H 3 2'
#
loop_
_entity.id
_entity.type
_entity.pdbx_description
1 polymer 'Phosphopantetheine adenylyltransferase'
2 non-polymer 'COENZYME A'
3 water water
#
_entity_poly.entity_id   1
_entity_poly.type   'polypeptide(L)'
_entity_poly.pdbx_seq_one_letter_code
;MTGAVCPGSFDPVTLGHVDIFERAAAQFDEVVVAILVNPAKTGMFDLDERIAMVKESTTHLPNLRVQVGHGLVVDFVRSC
GMTAIVKGLRTGTDFEYELQMAQMNKHIAGVDTFFVATAPRYSFVSSSLAKEVAMLGGDVSELLPEPVNRRLRDRLN
;
_entity_poly.pdbx_strand_id   A
#
# COMPACT_ATOMS: atom_id res chain seq x y z
N MET A 1 -5.92 21.93 -5.07
CA MET A 1 -5.37 20.94 -4.17
C MET A 1 -4.30 20.11 -4.86
N THR A 2 -3.19 19.86 -4.17
CA THR A 2 -2.26 18.83 -4.63
C THR A 2 -2.74 17.51 -4.05
N GLY A 3 -2.36 16.41 -4.68
CA GLY A 3 -2.85 15.12 -4.24
C GLY A 3 -2.13 13.96 -4.88
N ALA A 4 -2.07 12.85 -4.15
CA ALA A 4 -1.43 11.66 -4.65
C ALA A 4 -2.24 10.42 -4.28
N VAL A 5 -2.15 9.40 -5.13
CA VAL A 5 -2.73 8.10 -4.82
C VAL A 5 -1.62 7.12 -4.44
N CYS A 6 -1.88 6.32 -3.40
CA CYS A 6 -0.98 5.25 -2.98
C CYS A 6 -1.68 3.92 -3.23
N PRO A 7 -1.39 3.28 -4.38
CA PRO A 7 -2.09 2.05 -4.78
C PRO A 7 -1.39 0.79 -4.29
N GLY A 8 -2.17 -0.27 -4.04
CA GLY A 8 -1.60 -1.54 -3.65
C GLY A 8 -2.69 -2.54 -3.33
N SER A 9 -2.30 -3.79 -3.15
CA SER A 9 -3.25 -4.82 -2.73
C SER A 9 -3.41 -4.86 -1.20
N PHE A 10 -2.39 -4.39 -0.49
CA PHE A 10 -2.42 -4.29 0.98
C PHE A 10 -3.05 -5.50 1.65
N ASP A 11 -2.43 -6.65 1.45
CA ASP A 11 -2.96 -7.92 1.96
C ASP A 11 -1.93 -8.67 2.81
N PRO A 12 -1.65 -8.17 4.02
CA PRO A 12 -2.19 -6.98 4.64
C PRO A 12 -1.25 -5.77 4.54
N VAL A 13 -1.77 -4.60 4.88
CA VAL A 13 -0.96 -3.40 4.99
C VAL A 13 0.17 -3.62 6.01
N THR A 14 1.36 -3.11 5.70
CA THR A 14 2.51 -3.26 6.57
C THR A 14 2.94 -1.91 7.09
N LEU A 15 3.86 -1.88 8.04
CA LEU A 15 4.41 -0.59 8.48
C LEU A 15 5.26 0.06 7.39
N GLY A 16 5.74 -0.74 6.44
CA GLY A 16 6.39 -0.18 5.27
C GLY A 16 5.43 0.66 4.46
N HIS A 17 4.21 0.14 4.26
CA HIS A 17 3.20 0.89 3.54
C HIS A 17 2.81 2.13 4.32
N VAL A 18 2.64 1.99 5.63
CA VAL A 18 2.19 3.12 6.43
C VAL A 18 3.20 4.26 6.42
N ASP A 19 4.49 3.90 6.45
CA ASP A 19 5.56 4.89 6.31
C ASP A 19 5.37 5.70 5.03
N ILE A 20 5.09 5.02 3.92
CA ILE A 20 4.88 5.72 2.65
C ILE A 20 3.62 6.60 2.69
N PHE A 21 2.53 6.08 3.28
CA PHE A 21 1.32 6.89 3.45
C PHE A 21 1.65 8.21 4.17
N GLU A 22 2.47 8.11 5.22
CA GLU A 22 2.81 9.26 6.05
C GLU A 22 3.61 10.28 5.27
N ARG A 23 4.52 9.80 4.43
CA ARG A 23 5.33 10.72 3.64
C ARG A 23 4.48 11.40 2.58
N ALA A 24 3.58 10.65 1.96
CA ALA A 24 2.68 11.22 0.98
C ALA A 24 1.79 12.27 1.63
N ALA A 25 1.26 11.95 2.81
CA ALA A 25 0.34 12.86 3.49
C ALA A 25 1.06 14.12 3.95
N ALA A 26 2.38 14.02 4.14
CA ALA A 26 3.16 15.18 4.56
C ALA A 26 3.45 16.15 3.43
N GLN A 27 3.39 15.65 2.19
CA GLN A 27 3.83 16.42 1.04
C GLN A 27 2.74 16.77 0.04
N PHE A 28 1.57 16.13 0.17
CA PHE A 28 0.43 16.44 -0.70
C PHE A 28 -0.77 16.85 0.16
N ASP A 29 -1.61 17.73 -0.38
CA ASP A 29 -2.79 18.20 0.34
C ASP A 29 -3.75 17.06 0.67
N GLU A 30 -3.93 16.15 -0.27
CA GLU A 30 -4.78 14.98 -0.08
C GLU A 30 -4.11 13.70 -0.54
N VAL A 31 -4.33 12.61 0.19
CA VAL A 31 -3.83 11.30 -0.22
C VAL A 31 -5.00 10.32 -0.26
N VAL A 32 -5.06 9.52 -1.32
CA VAL A 32 -6.01 8.44 -1.41
C VAL A 32 -5.27 7.12 -1.48
N VAL A 33 -5.53 6.24 -0.52
CA VAL A 33 -5.01 4.88 -0.59
C VAL A 33 -5.99 4.06 -1.41
N ALA A 34 -5.51 3.52 -2.53
CA ALA A 34 -6.35 2.76 -3.44
C ALA A 34 -6.07 1.30 -3.28
N ILE A 35 -7.06 0.55 -2.79
CA ILE A 35 -6.90 -0.88 -2.63
C ILE A 35 -7.35 -1.59 -3.90
N LEU A 36 -6.38 -2.18 -4.59
CA LEU A 36 -6.62 -2.85 -5.86
C LEU A 36 -6.41 -4.34 -5.69
N VAL A 37 -7.50 -5.11 -5.78
CA VAL A 37 -7.48 -6.52 -5.40
C VAL A 37 -7.16 -7.48 -6.55
N ASN A 38 -6.95 -8.74 -6.18
CA ASN A 38 -6.61 -9.80 -7.11
C ASN A 38 -7.67 -10.01 -8.19
N PRO A 39 -7.24 -10.20 -9.44
CA PRO A 39 -8.12 -10.55 -10.55
C PRO A 39 -8.77 -11.92 -10.29
N ALA A 40 -8.10 -12.73 -9.48
CA ALA A 40 -8.61 -14.05 -9.11
C ALA A 40 -8.42 -14.27 -7.61
N LYS A 41 -9.44 -14.83 -6.95
CA LYS A 41 -9.41 -15.05 -5.51
C LYS A 41 -8.11 -15.76 -5.10
N THR A 42 -7.23 -15.03 -4.43
CA THR A 42 -5.94 -15.57 -4.01
C THR A 42 -5.46 -14.97 -2.69
N GLY A 43 -6.22 -14.01 -2.16
CA GLY A 43 -5.76 -13.26 -1.00
C GLY A 43 -6.04 -13.90 0.35
N MET A 44 -5.32 -13.44 1.37
CA MET A 44 -5.53 -13.90 2.74
C MET A 44 -6.71 -13.21 3.37
N PHE A 45 -6.79 -11.90 3.20
CA PHE A 45 -7.85 -11.10 3.79
C PHE A 45 -8.82 -10.63 2.71
N ASP A 46 -10.12 -10.66 3.01
CA ASP A 46 -11.07 -10.14 2.02
C ASP A 46 -10.98 -8.61 1.96
N LEU A 47 -11.66 -8.05 0.97
CA LEU A 47 -11.56 -6.61 0.71
C LEU A 47 -12.03 -5.79 1.91
N ASP A 48 -13.12 -6.21 2.54
CA ASP A 48 -13.62 -5.50 3.71
C ASP A 48 -12.58 -5.44 4.83
N GLU A 49 -11.87 -6.54 5.02
CA GLU A 49 -10.85 -6.62 6.05
C GLU A 49 -9.64 -5.75 5.69
N ARG A 50 -9.27 -5.74 4.42
CA ARG A 50 -8.15 -4.93 3.99
C ARG A 50 -8.44 -3.46 4.21
N ILE A 51 -9.67 -3.06 3.89
CA ILE A 51 -10.08 -1.67 4.05
C ILE A 51 -10.02 -1.26 5.52
N ALA A 52 -10.58 -2.10 6.39
CA ALA A 52 -10.59 -1.82 7.82
C ALA A 52 -9.17 -1.69 8.38
N MET A 53 -8.29 -2.57 7.95
CA MET A 53 -6.92 -2.55 8.44
C MET A 53 -6.18 -1.27 8.05
N VAL A 54 -6.39 -0.81 6.81
CA VAL A 54 -5.78 0.44 6.38
C VAL A 54 -6.37 1.62 7.17
N LYS A 55 -7.69 1.68 7.25
CA LYS A 55 -8.33 2.77 7.98
C LYS A 55 -7.86 2.83 9.43
N GLU A 56 -7.84 1.69 10.11
CA GLU A 56 -7.48 1.63 11.51
C GLU A 56 -6.01 1.98 11.74
N SER A 57 -5.20 1.84 10.69
CA SER A 57 -3.76 2.07 10.77
C SER A 57 -3.37 3.51 10.38
N THR A 58 -4.35 4.29 9.95
CA THR A 58 -4.07 5.62 9.42
C THR A 58 -4.94 6.71 10.07
N THR A 59 -5.43 6.45 11.27
CA THR A 59 -6.28 7.40 11.96
C THR A 59 -5.56 8.70 12.28
N HIS A 60 -4.23 8.66 12.24
CA HIS A 60 -3.41 9.83 12.57
C HIS A 60 -3.12 10.70 11.34
N LEU A 61 -3.70 10.34 10.20
CA LEU A 61 -3.51 11.09 8.96
C LEU A 61 -4.83 11.64 8.45
N PRO A 62 -5.20 12.86 8.86
CA PRO A 62 -6.53 13.39 8.58
C PRO A 62 -6.77 13.75 7.12
N ASN A 63 -5.70 13.92 6.34
CA ASN A 63 -5.85 14.21 4.91
C ASN A 63 -5.75 12.98 4.03
N LEU A 64 -5.85 11.81 4.65
CA LEU A 64 -5.80 10.56 3.91
C LEU A 64 -7.16 9.87 3.91
N ARG A 65 -7.57 9.36 2.74
CA ARG A 65 -8.78 8.58 2.66
C ARG A 65 -8.52 7.25 1.96
N VAL A 66 -9.38 6.27 2.22
CA VAL A 66 -9.21 4.93 1.69
C VAL A 66 -10.37 4.57 0.77
N GLN A 67 -10.04 4.10 -0.43
CA GLN A 67 -11.08 3.67 -1.36
C GLN A 67 -10.65 2.43 -2.12
N VAL A 68 -11.62 1.63 -2.53
CA VAL A 68 -11.35 0.48 -3.38
C VAL A 68 -11.15 0.93 -4.81
N GLY A 69 -10.08 0.46 -5.44
CA GLY A 69 -9.80 0.85 -6.81
C GLY A 69 -10.31 -0.19 -7.78
N HIS A 70 -10.57 0.25 -9.01
CA HIS A 70 -11.04 -0.64 -10.06
C HIS A 70 -10.35 -0.30 -11.38
N GLY A 71 -10.02 -1.33 -12.16
CA GLY A 71 -9.46 -1.14 -13.49
C GLY A 71 -8.01 -0.66 -13.46
N LEU A 72 -7.63 0.10 -14.48
CA LEU A 72 -6.28 0.64 -14.55
C LEU A 72 -6.06 1.62 -13.41
N VAL A 73 -4.91 1.55 -12.76
N VAL A 73 -4.90 1.55 -12.77
CA VAL A 73 -4.63 2.47 -11.67
CA VAL A 73 -4.61 2.47 -11.68
C VAL A 73 -4.73 3.92 -12.17
C VAL A 73 -4.65 3.92 -12.13
N VAL A 74 -4.24 4.17 -13.37
CA VAL A 74 -4.26 5.54 -13.89
C VAL A 74 -5.67 6.06 -14.06
N ASP A 75 -6.61 5.17 -14.38
CA ASP A 75 -7.99 5.59 -14.52
C ASP A 75 -8.55 5.95 -13.15
N PHE A 76 -8.16 5.19 -12.13
CA PHE A 76 -8.58 5.51 -10.77
C PHE A 76 -7.99 6.82 -10.30
N VAL A 77 -6.70 7.03 -10.61
CA VAL A 77 -6.01 8.26 -10.20
C VAL A 77 -6.72 9.46 -10.81
N ARG A 78 -7.01 9.39 -12.10
CA ARG A 78 -7.69 10.49 -12.77
C ARG A 78 -9.13 10.68 -12.25
N SER A 79 -9.77 9.59 -11.84
CA SER A 79 -11.10 9.69 -11.23
C SER A 79 -11.07 10.42 -9.89
N CYS A 80 -9.91 10.41 -9.23
CA CYS A 80 -9.72 11.14 -7.98
C CYS A 80 -9.33 12.60 -8.22
N GLY A 81 -9.24 13.00 -9.48
CA GLY A 81 -8.86 14.37 -9.82
C GLY A 81 -7.39 14.60 -9.56
N MET A 82 -6.60 13.55 -9.71
CA MET A 82 -5.17 13.63 -9.43
C MET A 82 -4.36 13.15 -10.63
N THR A 83 -3.06 13.37 -10.58
CA THR A 83 -2.17 12.94 -11.66
C THR A 83 -0.85 12.40 -11.12
N ALA A 84 -0.85 11.98 -9.85
CA ALA A 84 0.35 11.45 -9.23
C ALA A 84 0.08 10.20 -8.42
N ILE A 85 1.02 9.26 -8.53
CA ILE A 85 1.08 8.05 -7.74
C ILE A 85 2.32 8.13 -6.86
N VAL A 86 2.20 7.72 -5.60
CA VAL A 86 3.37 7.63 -4.72
C VAL A 86 3.54 6.17 -4.31
N LYS A 87 4.73 5.64 -4.54
CA LYS A 87 5.04 4.26 -4.23
C LYS A 87 6.33 4.15 -3.45
N GLY A 88 6.43 3.14 -2.59
CA GLY A 88 7.64 2.95 -1.81
C GLY A 88 8.64 2.04 -2.48
N LEU A 89 9.91 2.25 -2.14
CA LEU A 89 10.95 1.32 -2.53
C LEU A 89 11.46 0.64 -1.27
N ARG A 90 11.59 -0.69 -1.32
CA ARG A 90 12.16 -1.41 -0.21
C ARG A 90 13.18 -2.41 -0.70
N THR A 91 13.81 -3.10 0.23
CA THR A 91 14.70 -4.21 -0.12
C THR A 91 13.85 -5.31 -0.71
N GLY A 92 14.18 -5.71 -1.94
CA GLY A 92 13.40 -6.74 -2.62
C GLY A 92 12.49 -6.19 -3.70
N THR A 93 12.35 -4.86 -3.76
CA THR A 93 11.55 -4.25 -4.80
C THR A 93 12.18 -4.56 -6.15
N ASP A 94 11.37 -4.96 -7.12
CA ASP A 94 11.84 -5.13 -8.48
C ASP A 94 11.77 -3.76 -9.13
N PHE A 95 12.86 -3.01 -9.04
CA PHE A 95 12.81 -1.61 -9.45
C PHE A 95 12.66 -1.45 -10.96
N GLU A 96 13.25 -2.37 -11.72
CA GLU A 96 13.12 -2.33 -13.17
C GLU A 96 11.65 -2.43 -13.59
N TYR A 97 10.90 -3.31 -12.94
CA TYR A 97 9.49 -3.44 -13.26
C TYR A 97 8.69 -2.22 -12.81
N GLU A 98 9.03 -1.68 -11.65
CA GLU A 98 8.39 -0.45 -11.20
C GLU A 98 8.59 0.68 -12.22
N LEU A 99 9.82 0.80 -12.74
CA LEU A 99 10.11 1.80 -13.76
C LEU A 99 9.29 1.55 -15.02
N GLN A 100 9.18 0.28 -15.43
CA GLN A 100 8.40 -0.02 -16.63
C GLN A 100 6.95 0.42 -16.44
N MET A 101 6.38 0.10 -15.28
CA MET A 101 4.99 0.45 -15.03
C MET A 101 4.83 1.97 -14.97
N ALA A 102 5.80 2.65 -14.37
CA ALA A 102 5.72 4.09 -14.28
C ALA A 102 5.73 4.74 -15.67
N GLN A 103 6.62 4.25 -16.54
CA GLN A 103 6.69 4.80 -17.89
C GLN A 103 5.41 4.50 -18.66
N MET A 104 4.87 3.30 -18.48
CA MET A 104 3.61 2.95 -19.15
C MET A 104 2.46 3.81 -18.66
N ASN A 105 2.41 4.03 -17.35
CA ASN A 105 1.37 4.84 -16.75
C ASN A 105 1.41 6.30 -17.20
N LYS A 106 2.63 6.81 -17.38
CA LYS A 106 2.80 8.17 -17.88
C LYS A 106 2.38 8.23 -19.36
N HIS A 107 2.77 7.21 -20.12
CA HIS A 107 2.39 7.16 -21.54
C HIS A 107 0.89 7.15 -21.76
N ILE A 108 0.17 6.32 -21.02
CA ILE A 108 -1.24 6.14 -21.31
C ILE A 108 -2.17 7.20 -20.72
N ALA A 109 -1.75 7.85 -19.63
CA ALA A 109 -2.63 8.79 -18.94
C ALA A 109 -1.97 10.07 -18.43
N GLY A 110 -0.67 10.22 -18.67
CA GLY A 110 0.07 11.39 -18.23
C GLY A 110 0.28 11.45 -16.72
N VAL A 111 0.09 10.32 -16.06
CA VAL A 111 0.21 10.23 -14.61
C VAL A 111 1.66 10.03 -14.21
N ASP A 112 2.15 10.85 -13.28
CA ASP A 112 3.52 10.75 -12.78
C ASP A 112 3.60 9.76 -11.62
N THR A 113 4.73 9.07 -11.48
CA THR A 113 4.96 8.24 -10.31
C THR A 113 6.18 8.74 -9.54
N PHE A 114 5.95 9.03 -8.26
CA PHE A 114 7.04 9.42 -7.37
C PHE A 114 7.39 8.25 -6.45
N PHE A 115 8.66 7.87 -6.46
CA PHE A 115 9.14 6.79 -5.63
C PHE A 115 9.85 7.34 -4.39
N VAL A 116 9.61 6.71 -3.24
CA VAL A 116 10.29 7.11 -2.01
C VAL A 116 10.85 5.90 -1.27
N ALA A 117 12.08 6.01 -0.77
CA ALA A 117 12.71 4.92 -0.05
C ALA A 117 12.06 4.71 1.32
N THR A 118 11.61 3.49 1.58
N THR A 118 11.63 3.47 1.58
CA THR A 118 10.98 3.20 2.86
CA THR A 118 11.02 3.09 2.84
C THR A 118 12.01 3.28 3.98
C THR A 118 12.03 3.24 3.99
N ALA A 119 11.56 3.64 5.17
CA ALA A 119 12.43 3.72 6.34
C ALA A 119 13.17 2.40 6.55
N PRO A 120 14.47 2.47 6.86
CA PRO A 120 15.28 1.25 7.01
C PRO A 120 14.65 0.15 7.88
N ARG A 121 14.11 0.52 9.03
CA ARG A 121 13.55 -0.48 9.93
C ARG A 121 12.38 -1.26 9.29
N TYR A 122 11.74 -0.64 8.29
CA TYR A 122 10.59 -1.26 7.63
C TYR A 122 10.89 -1.63 6.18
N SER A 123 12.17 -1.73 5.84
CA SER A 123 12.58 -1.89 4.46
C SER A 123 12.64 -3.34 3.99
N PHE A 124 12.44 -4.30 4.88
CA PHE A 124 12.49 -5.70 4.47
C PHE A 124 11.18 -6.45 4.68
N VAL A 125 10.14 -5.74 5.13
CA VAL A 125 8.83 -6.38 5.23
C VAL A 125 8.10 -6.21 3.91
N SER A 126 7.39 -7.26 3.51
CA SER A 126 6.44 -7.18 2.41
C SER A 126 5.23 -7.95 2.88
N SER A 127 4.08 -7.67 2.26
CA SER A 127 2.87 -8.40 2.63
C SER A 127 3.07 -9.90 2.46
N SER A 128 3.64 -10.29 1.33
N SER A 128 3.66 -10.28 1.34
CA SER A 128 3.84 -11.70 1.03
CA SER A 128 3.84 -11.69 1.01
C SER A 128 4.74 -12.37 2.05
C SER A 128 4.79 -12.41 1.97
N LEU A 129 5.91 -11.77 2.29
CA LEU A 129 6.88 -12.38 3.19
C LEU A 129 6.36 -12.39 4.63
N ALA A 130 5.64 -11.34 5.00
CA ALA A 130 5.04 -11.29 6.33
C ALA A 130 4.04 -12.43 6.53
N LYS A 131 3.21 -12.68 5.52
CA LYS A 131 2.27 -13.79 5.59
C LYS A 131 3.00 -15.13 5.62
N GLU A 132 4.02 -15.28 4.78
CA GLU A 132 4.77 -16.54 4.71
C GLU A 132 5.39 -16.89 6.06
N VAL A 133 6.03 -15.90 6.67
CA VAL A 133 6.64 -16.08 7.97
C VAL A 133 5.60 -16.30 9.07
N ALA A 134 4.54 -15.49 9.03
CA ALA A 134 3.46 -15.62 10.00
C ALA A 134 2.84 -17.01 9.94
N MET A 135 2.66 -17.53 8.72
CA MET A 135 1.98 -18.83 8.56
C MET A 135 2.87 -20.00 9.00
N LEU A 136 4.18 -19.79 8.95
CA LEU A 136 5.14 -20.81 9.39
C LEU A 136 5.49 -20.66 10.86
N GLY A 137 4.84 -19.71 11.53
CA GLY A 137 4.99 -19.54 12.96
C GLY A 137 5.90 -18.45 13.49
N GLY A 138 6.46 -17.63 12.60
CA GLY A 138 7.41 -16.59 13.00
C GLY A 138 6.77 -15.29 13.42
N ASP A 139 7.55 -14.44 14.12
CA ASP A 139 7.02 -13.21 14.69
C ASP A 139 7.40 -11.95 13.91
N VAL A 140 6.42 -11.37 13.24
CA VAL A 140 6.64 -10.16 12.46
C VAL A 140 5.82 -9.00 13.02
N SER A 141 5.41 -9.11 14.28
CA SER A 141 4.52 -8.11 14.88
C SER A 141 5.12 -6.71 14.90
N GLU A 142 6.45 -6.63 14.91
N GLU A 142 6.45 -6.61 14.93
CA GLU A 142 7.14 -5.35 14.93
CA GLU A 142 7.09 -5.31 14.93
C GLU A 142 7.19 -4.70 13.55
C GLU A 142 7.04 -4.63 13.56
N LEU A 143 6.64 -5.40 12.55
CA LEU A 143 6.72 -4.94 11.17
C LEU A 143 5.35 -4.60 10.60
N LEU A 144 4.32 -4.77 11.43
CA LEU A 144 2.94 -4.58 11.01
C LEU A 144 2.18 -3.72 12.03
N PRO A 145 1.18 -2.97 11.57
CA PRO A 145 0.36 -2.17 12.49
C PRO A 145 -0.40 -3.08 13.45
N GLU A 146 -0.69 -2.57 14.64
CA GLU A 146 -1.42 -3.38 15.62
C GLU A 146 -2.78 -3.88 15.09
N PRO A 147 -3.49 -3.05 14.32
CA PRO A 147 -4.76 -3.55 13.75
C PRO A 147 -4.58 -4.79 12.88
N VAL A 148 -3.42 -4.91 12.24
CA VAL A 148 -3.10 -6.08 11.45
C VAL A 148 -2.66 -7.24 12.35
N ASN A 149 -1.82 -6.94 13.34
CA ASN A 149 -1.39 -7.96 14.31
C ASN A 149 -2.54 -8.67 15.01
N ARG A 150 -3.55 -7.90 15.41
CA ARG A 150 -4.73 -8.44 16.07
C ARG A 150 -5.40 -9.48 15.18
N ARG A 151 -5.60 -9.12 13.92
CA ARG A 151 -6.32 -9.98 12.99
C ARG A 151 -5.50 -11.21 12.62
N LEU A 152 -4.19 -11.03 12.49
CA LEU A 152 -3.29 -12.14 12.19
C LEU A 152 -3.36 -13.17 13.31
N ARG A 153 -3.22 -12.69 14.55
CA ARG A 153 -3.26 -13.57 15.71
C ARG A 153 -4.58 -14.34 15.80
N ASP A 154 -5.66 -13.72 15.36
CA ASP A 154 -6.97 -14.39 15.37
C ASP A 154 -7.03 -15.55 14.40
N ARG A 155 -6.36 -15.42 13.25
CA ARG A 155 -6.38 -16.46 12.24
C ARG A 155 -5.58 -17.71 12.65
N LEU A 156 -4.62 -17.52 13.55
CA LEU A 156 -3.76 -18.61 13.97
C LEU A 156 -4.19 -19.26 15.29
N ASN A 157 -4.87 -18.50 16.14
CA ASN A 157 -5.33 -19.03 17.43
C ASN A 157 -6.38 -20.12 17.28
#